data_2YJ0
#
_entry.id   2YJ0
#
_cell.length_a   94.000
_cell.length_b   103.800
_cell.length_c   82.500
_cell.angle_alpha   90.00
_cell.angle_beta   90.00
_cell.angle_gamma   90.00
#
_symmetry.space_group_name_H-M   'C 2 2 21'
#
loop_
_entity.id
_entity.type
_entity.pdbx_description
1 polymer DODECIN
2 non-polymer N-[2-({[5-(DIMETHYLAMINO)NAPHTHALEN-1-YL]SULFONYL}AMINO)ETHYL]-2-IODOACETAMIDE
3 non-polymer 'COENZYME A'
4 non-polymer 'FLAVIN MONONUCLEOTIDE'
5 non-polymer 'CHLORIDE ION'
6 non-polymer 'SULFATE ION'
7 water water
#
_entity_poly.entity_id   1
_entity_poly.type   'polypeptide(L)'
_entity_poly.pdbx_seq_one_letter_code
;SNHTYRVIEIVGTSPDGVDAAIQGGLARAAQTMRALDWFEVQSIRGHLVDGAVAHFQVCMKVGFRLEDS
;
_entity_poly.pdbx_strand_id   A,B,C,D,E,F
#
loop_
_chem_comp.id
_chem_comp.type
_chem_comp.name
_chem_comp.formula
420 non-polymer N-[2-({[5-(DIMETHYLAMINO)NAPHTHALEN-1-YL]SULFONYL}AMINO)ETHYL]-2-IODOACETAMIDE 'C16 H20 I N3 O3 S'
CL non-polymer 'CHLORIDE ION' 'Cl -1'
COA non-polymer 'COENZYME A' 'C21 H36 N7 O16 P3 S'
FMN non-polymer 'FLAVIN MONONUCLEOTIDE' 'C17 H21 N4 O9 P'
SO4 non-polymer 'SULFATE ION' 'O4 S -2'
#
# COMPACT_ATOMS: atom_id res chain seq x y z
N SER A 1 36.32 -12.24 3.21
CA SER A 1 35.12 -12.90 2.61
C SER A 1 33.83 -12.16 2.98
N ASN A 2 32.72 -12.63 2.41
CA ASN A 2 31.41 -11.94 2.53
C ASN A 2 30.25 -12.89 2.76
N HIS A 3 29.31 -12.48 3.61
CA HIS A 3 28.24 -13.35 4.10
C HIS A 3 27.16 -13.65 3.06
N THR A 4 26.60 -14.85 3.17
CA THR A 4 25.44 -15.24 2.39
C THR A 4 24.31 -15.52 3.37
N TYR A 5 23.08 -15.21 2.98
CA TYR A 5 21.92 -15.45 3.85
C TYR A 5 20.97 -16.44 3.21
N ARG A 6 20.22 -17.13 4.05
CA ARG A 6 19.22 -18.08 3.62
C ARG A 6 17.86 -17.51 4.01
N VAL A 7 16.88 -17.64 3.11
CA VAL A 7 15.54 -17.14 3.36
C VAL A 7 14.52 -18.30 3.28
N ILE A 8 14.08 -18.77 4.44
CA ILE A 8 13.01 -19.77 4.52
C ILE A 8 11.67 -19.09 4.73
N GLU A 9 10.60 -19.85 4.53
CA GLU A 9 9.25 -19.34 4.67
C GLU A 9 8.48 -20.19 5.67
N ILE A 10 7.91 -19.55 6.69
CA ILE A 10 7.16 -20.24 7.73
C ILE A 10 5.82 -19.53 7.93
N VAL A 11 4.89 -20.20 8.61
CA VAL A 11 3.64 -19.57 9.01
C VAL A 11 3.46 -19.73 10.52
N GLY A 12 3.53 -18.60 11.23
CA GLY A 12 3.25 -18.58 12.66
C GLY A 12 1.75 -18.49 12.88
N THR A 13 1.26 -19.13 13.94
CA THR A 13 -0.16 -19.05 14.29
C THR A 13 -0.38 -18.68 15.76
N SER A 14 -1.54 -18.06 16.00
CA SER A 14 -1.99 -17.68 17.32
C SER A 14 -3.50 -17.45 17.29
N PRO A 15 -4.20 -17.78 18.38
CA PRO A 15 -5.60 -17.39 18.47
C PRO A 15 -5.82 -15.94 18.92
N ASP A 16 -4.75 -15.23 19.30
CA ASP A 16 -4.87 -13.87 19.85
C ASP A 16 -4.75 -12.76 18.82
N GLY A 17 -3.79 -12.87 17.93
CA GLY A 17 -3.60 -11.83 16.93
C GLY A 17 -2.39 -11.97 16.03
N VAL A 18 -2.16 -10.94 15.23
CA VAL A 18 -1.09 -10.92 14.25
C VAL A 18 0.29 -10.93 14.90
N ASP A 19 0.48 -10.14 15.93
CA ASP A 19 1.77 -10.03 16.60
C ASP A 19 2.14 -11.36 17.26
N ALA A 20 1.16 -11.96 17.93
CA ALA A 20 1.36 -13.23 18.63
C ALA A 20 1.66 -14.38 17.65
N ALA A 21 1.06 -14.32 16.46
CA ALA A 21 1.30 -15.31 15.43
C ALA A 21 2.74 -15.19 14.92
N ILE A 22 3.13 -13.96 14.58
CA ILE A 22 4.51 -13.65 14.18
C ILE A 22 5.50 -14.21 15.19
N GLN A 23 5.30 -13.85 16.45
CA GLN A 23 6.21 -14.26 17.51
C GLN A 23 6.14 -15.75 17.81
N GLY A 24 4.94 -16.33 17.70
CA GLY A 24 4.77 -17.77 17.80
C GLY A 24 5.61 -18.50 16.77
N GLY A 25 5.53 -18.05 15.52
CA GLY A 25 6.27 -18.65 14.41
C GLY A 25 7.79 -18.50 14.56
N LEU A 26 8.23 -17.32 14.94
CA LEU A 26 9.66 -17.05 15.10
C LEU A 26 10.30 -17.86 16.24
N ALA A 27 9.52 -18.11 17.29
CA ALA A 27 10.00 -18.90 18.43
C ALA A 27 10.31 -20.34 18.04
N ARG A 28 9.43 -20.93 17.23
CA ARG A 28 9.64 -22.28 16.72
C ARG A 28 10.87 -22.36 15.82
N ALA A 29 11.11 -21.30 15.04
CA ALA A 29 12.31 -21.21 14.19
C ALA A 29 13.58 -21.11 15.03
N ALA A 30 13.51 -20.30 16.09
CA ALA A 30 14.65 -20.07 16.98
C ALA A 30 15.10 -21.33 17.72
N GLN A 31 14.17 -22.27 17.94
CA GLN A 31 14.47 -23.53 18.61
C GLN A 31 15.58 -24.32 17.92
N THR A 32 15.63 -24.24 16.60
CA THR A 32 16.61 -25.00 15.81
C THR A 32 17.59 -24.15 15.01
N MET A 33 17.18 -22.93 14.61
CA MET A 33 18.03 -22.08 13.77
C MET A 33 18.81 -21.05 14.58
N ARG A 34 19.99 -20.71 14.07
CA ARG A 34 20.89 -19.73 14.66
C ARG A 34 21.10 -18.59 13.67
N ALA A 35 21.52 -17.43 14.18
CA ALA A 35 21.80 -16.27 13.36
C ALA A 35 20.57 -15.73 12.60
N LEU A 36 19.40 -15.84 13.23
CA LEU A 36 18.18 -15.27 12.68
C LEU A 36 18.29 -13.75 12.70
N ASP A 37 18.10 -13.12 11.54
CA ASP A 37 18.38 -11.69 11.37
C ASP A 37 17.13 -10.86 11.14
N TRP A 38 16.31 -11.25 10.17
CA TRP A 38 15.12 -10.48 9.83
C TRP A 38 13.95 -11.38 9.45
N PHE A 39 12.79 -10.76 9.36
CA PHE A 39 11.62 -11.41 8.77
C PHE A 39 10.84 -10.39 7.94
N GLU A 40 10.07 -10.90 6.99
CA GLU A 40 9.10 -10.09 6.26
C GLU A 40 7.79 -10.87 6.16
N VAL A 41 6.69 -10.19 6.38
CA VAL A 41 5.36 -10.78 6.30
C VAL A 41 4.93 -10.88 4.84
N GLN A 42 4.54 -12.09 4.43
CA GLN A 42 4.03 -12.33 3.07
C GLN A 42 2.52 -12.19 3.01
N SER A 43 1.84 -12.72 4.03
CA SER A 43 0.39 -12.57 4.10
C SER A 43 -0.13 -12.80 5.51
N ILE A 44 -1.30 -12.21 5.77
CA ILE A 44 -2.02 -12.41 7.01
C ILE A 44 -3.34 -13.08 6.67
N ARG A 45 -3.58 -14.23 7.30
CA ARG A 45 -4.74 -15.05 7.03
C ARG A 45 -5.32 -15.56 8.34
N GLY A 46 -6.42 -16.29 8.25
CA GLY A 46 -6.98 -16.96 9.41
C GLY A 46 -8.07 -17.96 9.08
N HIS A 47 -8.26 -18.89 10.01
CA HIS A 47 -9.28 -19.92 9.92
C HIS A 47 -10.43 -19.50 10.81
N LEU A 48 -11.66 -19.68 10.33
CA LEU A 48 -12.84 -19.27 11.06
C LEU A 48 -13.66 -20.48 11.50
N VAL A 49 -13.91 -20.59 12.80
CA VAL A 49 -14.76 -21.63 13.36
C VAL A 49 -15.93 -20.96 14.08
N ASP A 50 -17.15 -21.39 13.76
CA ASP A 50 -18.36 -20.74 14.27
C ASP A 50 -18.24 -19.21 14.23
N GLY A 51 -17.97 -18.67 13.04
CA GLY A 51 -17.94 -17.23 12.81
C GLY A 51 -16.82 -16.44 13.48
N ALA A 52 -15.87 -17.13 14.12
CA ALA A 52 -14.82 -16.49 14.92
C ALA A 52 -13.43 -16.91 14.45
N VAL A 53 -12.45 -16.02 14.61
CA VAL A 53 -11.08 -16.33 14.23
C VAL A 53 -10.50 -17.37 15.19
N ALA A 54 -10.33 -18.59 14.72
CA ALA A 54 -9.78 -19.67 15.55
C ALA A 54 -8.27 -19.51 15.66
N HIS A 55 -7.63 -19.27 14.52
CA HIS A 55 -6.20 -18.97 14.49
C HIS A 55 -5.92 -17.85 13.50
N PHE A 56 -5.16 -16.85 13.97
CA PHE A 56 -4.50 -15.90 13.10
C PHE A 56 -3.31 -16.62 12.48
N GLN A 57 -3.07 -16.40 11.19
CA GLN A 57 -2.00 -17.07 10.46
C GLN A 57 -1.17 -16.06 9.68
N VAL A 58 0.11 -15.95 10.01
CA VAL A 58 0.99 -14.99 9.38
C VAL A 58 2.15 -15.69 8.69
N CYS A 59 2.10 -15.70 7.37
CA CYS A 59 3.16 -16.29 6.57
CA CYS A 59 3.16 -16.29 6.57
C CYS A 59 4.32 -15.31 6.48
N MET A 60 5.51 -15.78 6.85
CA MET A 60 6.70 -14.94 6.94
C MET A 60 7.86 -15.53 6.17
N LYS A 61 8.62 -14.68 5.47
CA LYS A 61 9.97 -14.98 5.00
CA LYS A 61 9.94 -15.06 5.03
C LYS A 61 10.90 -14.73 6.17
N VAL A 62 11.84 -15.64 6.44
CA VAL A 62 12.76 -15.48 7.55
C VAL A 62 14.20 -15.59 7.06
N GLY A 63 14.98 -14.52 7.25
CA GLY A 63 16.37 -14.49 6.83
C GLY A 63 17.31 -14.77 7.97
N PHE A 64 18.26 -15.68 7.74
CA PHE A 64 19.32 -15.92 8.70
C PHE A 64 20.66 -16.05 8.00
N ARG A 65 21.74 -15.76 8.73
CA ARG A 65 23.08 -15.84 8.18
C ARG A 65 23.50 -17.29 8.05
N LEU A 66 24.06 -17.65 6.89
CA LEU A 66 24.60 -18.98 6.68
C LEU A 66 25.95 -19.15 7.37
N GLU A 67 26.06 -20.21 8.17
CA GLU A 67 27.33 -20.70 8.68
C GLU A 67 27.98 -21.49 7.55
N ASP A 68 29.28 -21.77 7.67
CA ASP A 68 30.03 -22.44 6.60
C ASP A 68 29.57 -23.89 6.39
N ASN B 2 -9.05 23.12 -6.32
N ASN B 2 -9.07 23.10 -6.32
CA ASN B 2 -9.35 21.98 -5.40
CA ASN B 2 -9.35 21.90 -5.47
C ASN B 2 -8.09 21.14 -5.14
C ASN B 2 -8.08 21.11 -5.16
N HIS B 3 -8.15 20.31 -4.10
CA HIS B 3 -6.95 19.87 -3.37
C HIS B 3 -6.00 18.86 -4.03
N THR B 4 -4.70 19.10 -3.80
CA THR B 4 -3.65 18.18 -4.20
C THR B 4 -3.00 17.64 -2.94
N TYR B 5 -2.78 16.32 -2.92
CA TYR B 5 -2.21 15.65 -1.75
C TYR B 5 -0.81 15.14 -2.06
N ARG B 6 -0.02 15.01 -1.01
CA ARG B 6 1.36 14.52 -1.10
C ARG B 6 1.41 13.19 -0.38
N VAL B 7 2.14 12.23 -0.96
CA VAL B 7 2.26 10.90 -0.37
C VAL B 7 3.73 10.56 -0.09
N ILE B 8 4.10 10.61 1.19
CA ILE B 8 5.46 10.29 1.61
C ILE B 8 5.52 8.90 2.23
N GLU B 9 6.72 8.35 2.31
CA GLU B 9 6.92 7.00 2.78
C GLU B 9 7.80 7.03 4.01
N ILE B 10 7.35 6.39 5.10
CA ILE B 10 8.11 6.30 6.33
C ILE B 10 8.06 4.89 6.89
N VAL B 11 8.92 4.60 7.87
CA VAL B 11 8.91 3.34 8.59
C VAL B 11 8.77 3.62 10.07
N GLY B 12 7.64 3.22 10.65
CA GLY B 12 7.46 3.28 12.09
C GLY B 12 7.93 2.00 12.73
N THR B 13 8.62 2.09 13.86
CA THR B 13 9.13 0.92 14.56
C THR B 13 8.68 0.89 16.01
N SER B 14 8.55 -0.33 16.54
CA SER B 14 8.21 -0.54 17.93
C SER B 14 8.54 -1.97 18.33
N PRO B 15 9.12 -2.17 19.54
CA PRO B 15 9.36 -3.53 20.01
C PRO B 15 8.08 -4.27 20.41
N ASP B 16 6.99 -3.53 20.60
CA ASP B 16 5.76 -4.09 21.14
C ASP B 16 4.86 -4.77 20.10
N GLY B 17 4.74 -4.18 18.91
CA GLY B 17 3.89 -4.77 17.88
C GLY B 17 3.61 -3.86 16.70
N VAL B 18 2.68 -4.31 15.86
CA VAL B 18 2.39 -3.65 14.59
C VAL B 18 1.68 -2.32 14.78
N ASP B 19 0.67 -2.30 15.66
CA ASP B 19 -0.08 -1.07 15.96
C ASP B 19 0.85 0.00 16.50
N ALA B 20 1.63 -0.36 17.52
CA ALA B 20 2.56 0.59 18.15
C ALA B 20 3.60 1.11 17.15
N ALA B 21 4.01 0.26 16.22
CA ALA B 21 4.94 0.66 15.16
C ALA B 21 4.26 1.66 14.23
N ILE B 22 3.03 1.36 13.84
CA ILE B 22 2.24 2.24 12.98
C ILE B 22 2.11 3.60 13.65
N GLN B 23 1.67 3.60 14.89
CA GLN B 23 1.45 4.83 15.65
C GLN B 23 2.74 5.59 15.97
N GLY B 24 3.79 4.88 16.35
CA GLY B 24 5.09 5.49 16.59
C GLY B 24 5.57 6.29 15.37
N GLY B 25 5.39 5.72 14.19
CA GLY B 25 5.77 6.37 12.94
C GLY B 25 4.92 7.59 12.60
N LEU B 26 3.61 7.46 12.71
CA LEU B 26 2.70 8.57 12.40
C LEU B 26 2.91 9.75 13.36
N ALA B 27 3.24 9.47 14.62
CA ALA B 27 3.48 10.52 15.62
C ALA B 27 4.69 11.39 15.28
N ARG B 28 5.76 10.76 14.76
CA ARG B 28 6.93 11.49 14.30
C ARG B 28 6.57 12.37 13.12
N ALA B 29 5.72 11.84 12.23
CA ALA B 29 5.22 12.62 11.09
C ALA B 29 4.40 13.82 11.55
N ALA B 30 3.55 13.59 12.55
CA ALA B 30 2.67 14.62 13.10
C ALA B 30 3.44 15.77 13.76
N GLN B 31 4.67 15.50 14.22
CA GLN B 31 5.49 16.54 14.84
C GLN B 31 5.82 17.68 13.89
N THR B 32 6.01 17.38 12.61
CA THR B 32 6.39 18.39 11.62
C THR B 32 5.35 18.63 10.51
N MET B 33 4.57 17.60 10.15
CA MET B 33 3.62 17.69 9.04
C MET B 33 2.19 18.03 9.49
N ARG B 34 1.47 18.76 8.64
CA ARG B 34 0.11 19.23 8.91
C ARG B 34 -0.86 18.65 7.90
N ALA B 35 -2.14 18.57 8.29
CA ALA B 35 -3.20 18.05 7.43
C ALA B 35 -2.99 16.59 7.02
N LEU B 36 -2.40 15.79 7.91
CA LEU B 36 -2.26 14.36 7.67
C LEU B 36 -3.66 13.76 7.62
N ASP B 37 -3.92 12.97 6.58
CA ASP B 37 -5.26 12.51 6.26
C ASP B 37 -5.42 10.99 6.29
N TRP B 38 -4.47 10.25 5.72
CA TRP B 38 -4.56 8.78 5.70
C TRP B 38 -3.18 8.11 5.72
N PHE B 39 -3.19 6.78 5.84
CA PHE B 39 -1.98 5.97 5.67
C PHE B 39 -2.31 4.63 5.02
N GLU B 40 -1.33 4.03 4.34
CA GLU B 40 -1.42 2.65 3.86
C GLU B 40 -0.13 1.91 4.20
N VAL B 41 -0.27 0.70 4.74
CA VAL B 41 0.89 -0.13 5.05
C VAL B 41 1.42 -0.80 3.78
N GLN B 42 2.72 -0.62 3.54
CA GLN B 42 3.37 -1.20 2.36
C GLN B 42 3.98 -2.55 2.70
N SER B 43 4.56 -2.66 3.89
CA SER B 43 5.08 -3.94 4.36
C SER B 43 5.20 -3.96 5.88
N ILE B 44 5.21 -5.18 6.41
CA ILE B 44 5.47 -5.41 7.82
C ILE B 44 6.72 -6.29 7.92
N ARG B 45 7.77 -5.74 8.52
CA ARG B 45 9.05 -6.40 8.67
C ARG B 45 9.50 -6.30 10.13
N GLY B 46 10.63 -6.93 10.44
CA GLY B 46 11.22 -6.77 11.75
C GLY B 46 12.63 -7.32 11.85
N HIS B 47 13.39 -6.73 12.76
CA HIS B 47 14.76 -7.17 13.04
C HIS B 47 14.73 -8.14 14.22
N LEU B 48 15.47 -9.24 14.09
CA LEU B 48 15.54 -10.26 15.12
C LEU B 48 16.86 -10.22 15.87
N VAL B 49 16.79 -10.30 17.21
CA VAL B 49 17.97 -10.43 18.06
C VAL B 49 17.72 -11.51 19.11
N ASP B 50 18.71 -12.39 19.32
CA ASP B 50 18.57 -13.57 20.18
C ASP B 50 17.33 -14.42 19.84
N GLY B 51 16.96 -14.46 18.57
CA GLY B 51 15.82 -15.26 18.10
C GLY B 51 14.47 -14.76 18.58
N ALA B 52 14.37 -13.45 18.78
CA ALA B 52 13.12 -12.79 19.15
C ALA B 52 13.04 -11.46 18.43
N VAL B 53 11.83 -10.92 18.30
CA VAL B 53 11.63 -9.66 17.59
C VAL B 53 12.14 -8.47 18.42
N ALA B 54 13.25 -7.87 17.99
CA ALA B 54 13.77 -6.67 18.64
C ALA B 54 12.88 -5.48 18.31
N HIS B 55 12.52 -5.35 17.04
CA HIS B 55 11.66 -4.27 16.57
C HIS B 55 10.71 -4.72 15.47
N PHE B 56 9.43 -4.37 15.61
CA PHE B 56 8.46 -4.45 14.51
C PHE B 56 8.62 -3.18 13.67
N GLN B 57 8.76 -3.35 12.36
CA GLN B 57 8.96 -2.22 11.46
C GLN B 57 7.83 -2.21 10.43
N VAL B 58 7.03 -1.14 10.43
CA VAL B 58 5.93 -1.02 9.48
C VAL B 58 6.14 0.13 8.51
N CYS B 59 6.46 -0.22 7.26
CA CYS B 59 6.60 0.76 6.19
CA CYS B 59 6.60 0.76 6.19
C CYS B 59 5.21 1.26 5.78
N MET B 60 5.02 2.57 5.82
CA MET B 60 3.73 3.18 5.47
C MET B 60 3.90 4.29 4.45
N LYS B 61 2.93 4.41 3.55
CA LYS B 61 2.74 5.62 2.77
C LYS B 61 1.74 6.47 3.54
N VAL B 62 2.00 7.78 3.64
CA VAL B 62 1.17 8.69 4.43
C VAL B 62 0.75 9.86 3.55
N GLY B 63 -0.55 10.07 3.42
CA GLY B 63 -1.09 11.12 2.57
C GLY B 63 -1.51 12.33 3.38
N PHE B 64 -1.04 13.51 2.97
CA PHE B 64 -1.48 14.75 3.59
C PHE B 64 -1.79 15.80 2.54
N ARG B 65 -2.73 16.69 2.87
CA ARG B 65 -3.16 17.73 1.94
C ARG B 65 -2.09 18.83 1.84
N LEU B 66 -1.69 19.16 0.61
CA LEU B 66 -0.71 20.20 0.38
C LEU B 66 -1.31 21.56 0.62
N GLU B 67 -0.56 22.40 1.33
CA GLU B 67 -0.90 23.80 1.48
C GLU B 67 -0.42 24.53 0.23
N ASP B 68 -0.80 25.80 0.10
CA ASP B 68 -0.43 26.59 -1.08
C ASP B 68 1.07 26.79 -1.21
N SER C 1 15.97 5.20 20.79
CA SER C 1 15.44 4.23 19.78
C SER C 1 13.90 4.24 19.75
N ASN C 2 13.31 3.24 19.10
CA ASN C 2 12.01 3.37 18.44
C ASN C 2 12.14 4.46 17.38
N HIS C 3 13.27 4.41 16.69
CA HIS C 3 13.56 5.28 15.56
C HIS C 3 12.49 5.19 14.48
N THR C 4 12.34 6.27 13.73
CA THR C 4 11.51 6.29 12.53
C THR C 4 12.41 6.53 11.33
N TYR C 5 12.13 5.84 10.22
CA TYR C 5 12.91 6.01 9.00
C TYR C 5 12.08 6.67 7.91
N ARG C 6 12.78 7.35 7.01
CA ARG C 6 12.18 8.00 5.85
C ARG C 6 12.69 7.30 4.61
N VAL C 7 11.76 6.93 3.73
CA VAL C 7 12.12 6.30 2.47
C VAL C 7 11.78 7.26 1.34
N ILE C 8 12.82 7.67 0.60
CA ILE C 8 12.65 8.54 -0.56
C ILE C 8 12.95 7.74 -1.82
N GLU C 9 12.63 8.30 -2.98
CA GLU C 9 12.84 7.62 -4.25
C GLU C 9 13.70 8.46 -5.20
N ILE C 10 14.81 7.87 -5.68
CA ILE C 10 15.70 8.52 -6.64
C ILE C 10 16.03 7.61 -7.82
N VAL C 11 16.44 8.20 -8.94
CA VAL C 11 16.94 7.43 -10.08
C VAL C 11 18.40 7.80 -10.34
N GLY C 12 19.30 6.87 -10.03
CA GLY C 12 20.73 7.06 -10.32
C GLY C 12 20.99 6.70 -11.77
N THR C 13 21.87 7.46 -12.43
CA THR C 13 22.20 7.16 -13.82
C THR C 13 23.72 7.12 -14.07
N SER C 14 24.09 6.33 -15.07
CA SER C 14 25.47 6.22 -15.51
C SER C 14 25.48 5.60 -16.91
N PRO C 15 26.44 6.00 -17.76
CA PRO C 15 26.61 5.30 -19.03
C PRO C 15 27.37 3.98 -18.91
N ASP C 16 27.96 3.71 -17.73
CA ASP C 16 28.86 2.57 -17.55
C ASP C 16 28.15 1.26 -17.22
N GLY C 17 27.10 1.34 -16.40
CA GLY C 17 26.34 0.14 -16.05
C GLY C 17 25.37 0.32 -14.91
N VAL C 18 24.86 -0.81 -14.41
CA VAL C 18 23.87 -0.83 -13.33
C VAL C 18 24.53 -0.43 -12.01
N ASP C 19 25.65 -1.06 -11.67
CA ASP C 19 26.39 -0.74 -10.45
C ASP C 19 26.74 0.74 -10.40
N ALA C 20 27.29 1.25 -11.49
CA ALA C 20 27.71 2.65 -11.58
C ALA C 20 26.53 3.59 -11.45
N ALA C 21 25.38 3.19 -11.99
CA ALA C 21 24.15 3.96 -11.86
C ALA C 21 23.64 4.00 -10.42
N ILE C 22 23.72 2.88 -9.71
CA ILE C 22 23.32 2.80 -8.29
C ILE C 22 24.13 3.77 -7.42
N GLN C 23 25.44 3.72 -7.54
CA GLN C 23 26.35 4.53 -6.73
C GLN C 23 26.37 6.01 -7.11
N GLY C 24 26.07 6.28 -8.36
CA GLY C 24 25.93 7.66 -8.82
C GLY C 24 24.80 8.35 -8.08
N GLY C 25 23.66 7.66 -7.99
CA GLY C 25 22.49 8.21 -7.30
C GLY C 25 22.66 8.29 -5.80
N LEU C 26 23.26 7.25 -5.22
CA LEU C 26 23.49 7.21 -3.77
C LEU C 26 24.49 8.27 -3.32
N ALA C 27 25.47 8.56 -4.16
CA ALA C 27 26.44 9.62 -3.89
C ALA C 27 25.77 10.99 -3.83
N ARG C 28 24.79 11.20 -4.71
CA ARG C 28 24.03 12.46 -4.73
C ARG C 28 23.13 12.59 -3.50
N ALA C 29 22.54 11.49 -3.06
CA ALA C 29 21.78 11.47 -1.80
C ALA C 29 22.70 11.70 -0.61
N ALA C 30 23.91 11.15 -0.68
CA ALA C 30 24.91 11.29 0.38
C ALA C 30 25.50 12.69 0.51
N GLN C 31 25.31 13.52 -0.52
CA GLN C 31 25.79 14.91 -0.47
C GLN C 31 24.97 15.79 0.48
N THR C 32 23.72 15.41 0.72
CA THR C 32 22.82 16.20 1.56
C THR C 32 22.18 15.42 2.71
N MET C 33 21.97 14.12 2.55
CA MET C 33 21.27 13.32 3.56
C MET C 33 22.22 12.61 4.52
N ARG C 34 21.75 12.42 5.75
CA ARG C 34 22.51 11.85 6.84
C ARG C 34 21.82 10.60 7.36
N ALA C 35 22.60 9.66 7.87
CA ALA C 35 22.10 8.38 8.40
C ALA C 35 21.41 7.54 7.33
N LEU C 36 21.93 7.57 6.11
CA LEU C 36 21.49 6.66 5.06
C LEU C 36 21.77 5.22 5.50
N ASP C 37 20.80 4.33 5.32
CA ASP C 37 20.87 2.97 5.88
C ASP C 37 20.79 1.86 4.84
N TRP C 38 19.86 1.98 3.90
CA TRP C 38 19.65 0.95 2.90
C TRP C 38 19.05 1.50 1.62
N PHE C 39 19.19 0.76 0.53
CA PHE C 39 18.47 1.06 -0.70
C PHE C 39 17.84 -0.21 -1.22
N GLU C 40 16.76 -0.06 -1.99
CA GLU C 40 16.15 -1.16 -2.72
C GLU C 40 15.91 -0.71 -4.16
N VAL C 41 16.33 -1.54 -5.11
CA VAL C 41 16.15 -1.24 -6.52
C VAL C 41 14.68 -1.47 -6.90
N GLN C 42 14.07 -0.47 -7.52
CA GLN C 42 12.67 -0.55 -7.96
C GLN C 42 12.60 -0.98 -9.41
N SER C 43 13.42 -0.36 -10.26
CA SER C 43 13.54 -0.76 -11.65
C SER C 43 14.91 -0.45 -12.23
N ILE C 44 15.25 -1.20 -13.27
CA ILE C 44 16.44 -0.94 -14.07
C ILE C 44 15.94 -0.61 -15.46
N ARG C 45 16.23 0.62 -15.90
CA ARG C 45 15.77 1.15 -17.18
C ARG C 45 16.92 1.83 -17.89
N GLY C 46 16.67 2.33 -19.09
CA GLY C 46 17.65 3.14 -19.79
C GLY C 46 17.13 3.86 -21.00
N HIS C 47 17.95 4.77 -21.51
CA HIS C 47 17.67 5.55 -22.71
C HIS C 47 18.63 5.06 -23.79
N LEU C 48 18.13 4.90 -25.01
CA LEU C 48 18.93 4.42 -26.12
C LEU C 48 19.19 5.52 -27.15
N VAL C 49 20.45 5.65 -27.57
CA VAL C 49 20.84 6.59 -28.63
C VAL C 49 21.67 5.83 -29.67
N ASP C 50 21.38 6.07 -30.95
CA ASP C 50 22.08 5.41 -32.06
C ASP C 50 22.15 3.87 -31.90
N GLY C 51 21.14 3.31 -31.24
CA GLY C 51 21.09 1.87 -30.98
C GLY C 51 22.00 1.38 -29.87
N ALA C 52 22.43 2.28 -28.99
CA ALA C 52 23.27 1.93 -27.84
C ALA C 52 22.67 2.49 -26.55
N VAL C 53 23.11 1.94 -25.41
CA VAL C 53 22.69 2.47 -24.11
C VAL C 53 23.48 3.73 -23.79
N ALA C 54 22.80 4.88 -23.84
CA ALA C 54 23.41 6.15 -23.45
C ALA C 54 23.55 6.24 -21.93
N HIS C 55 22.47 5.94 -21.22
CA HIS C 55 22.46 5.98 -19.77
C HIS C 55 21.69 4.80 -19.19
N PHE C 56 22.32 4.05 -18.29
CA PHE C 56 21.63 3.13 -17.41
C PHE C 56 20.91 3.96 -16.35
N GLN C 57 19.65 3.62 -16.06
CA GLN C 57 18.86 4.34 -15.06
C GLN C 57 18.30 3.35 -14.04
N VAL C 58 18.80 3.42 -12.80
CA VAL C 58 18.33 2.54 -11.74
C VAL C 58 17.51 3.33 -10.74
N CYS C 59 16.21 3.05 -10.70
CA CYS C 59 15.30 3.68 -9.73
CA CYS C 59 15.31 3.67 -9.73
C CYS C 59 15.44 2.95 -8.39
N MET C 60 15.67 3.72 -7.33
CA MET C 60 15.90 3.16 -6.00
C MET C 60 15.05 3.82 -4.94
N LYS C 61 14.62 3.03 -3.97
CA LYS C 61 14.10 3.56 -2.72
C LYS C 61 15.26 3.58 -1.74
N VAL C 62 15.42 4.71 -1.04
CA VAL C 62 16.54 4.91 -0.13
C VAL C 62 16.01 5.25 1.26
N GLY C 63 16.36 4.41 2.23
CA GLY C 63 15.86 4.56 3.59
C GLY C 63 16.92 5.18 4.49
N PHE C 64 16.53 6.18 5.26
CA PHE C 64 17.44 6.80 6.22
C PHE C 64 16.71 7.10 7.52
N ARG C 65 17.46 7.13 8.62
CA ARG C 65 16.87 7.38 9.91
C ARG C 65 16.60 8.86 10.11
N LEU C 66 15.36 9.19 10.47
CA LEU C 66 14.99 10.55 10.81
C LEU C 66 15.67 10.99 12.10
N GLU C 67 16.21 12.20 12.08
CA GLU C 67 16.66 12.88 13.28
C GLU C 67 15.44 13.49 13.95
N ASP C 68 15.64 14.09 15.12
CA ASP C 68 14.53 14.69 15.88
C ASP C 68 13.92 15.86 15.15
N SER D 1 -15.39 -32.88 -4.92
CA SER D 1 -15.59 -31.90 -6.03
C SER D 1 -16.63 -30.89 -5.65
N ASN D 2 -17.73 -31.46 -5.23
CA ASN D 2 -19.01 -30.79 -5.07
CA ASN D 2 -18.99 -30.75 -5.16
C ASN D 2 -19.02 -29.44 -4.34
N HIS D 3 -18.22 -29.31 -3.26
CA HIS D 3 -18.25 -28.04 -2.48
C HIS D 3 -17.70 -26.85 -3.27
N THR D 4 -18.43 -25.74 -3.23
CA THR D 4 -18.01 -24.47 -3.85
C THR D 4 -18.00 -23.38 -2.79
N TYR D 5 -16.99 -22.49 -2.87
CA TYR D 5 -16.89 -21.39 -1.92
C TYR D 5 -17.10 -20.06 -2.59
N ARG D 6 -17.53 -19.10 -1.80
CA ARG D 6 -17.74 -17.73 -2.23
C ARG D 6 -16.75 -16.87 -1.49
N VAL D 7 -16.17 -15.89 -2.17
CA VAL D 7 -15.17 -15.02 -1.57
C VAL D 7 -15.61 -13.56 -1.68
N ILE D 8 -16.14 -13.03 -0.58
CA ILE D 8 -16.53 -11.61 -0.53
C ILE D 8 -15.43 -10.75 0.08
N GLU D 9 -15.52 -9.45 -0.16
CA GLU D 9 -14.53 -8.49 0.30
C GLU D 9 -15.18 -7.50 1.26
N ILE D 10 -14.60 -7.35 2.45
CA ILE D 10 -15.08 -6.38 3.44
C ILE D 10 -13.92 -5.61 4.08
N VAL D 11 -14.23 -4.43 4.60
CA VAL D 11 -13.26 -3.65 5.37
C VAL D 11 -13.75 -3.53 6.81
N GLY D 12 -13.06 -4.21 7.72
CA GLY D 12 -13.34 -4.04 9.15
C GLY D 12 -12.69 -2.76 9.62
N THR D 13 -13.27 -2.11 10.62
CA THR D 13 -12.67 -0.89 11.17
C THR D 13 -12.73 -0.83 12.69
N SER D 14 -11.73 -0.19 13.28
CA SER D 14 -11.63 -0.02 14.73
C SER D 14 -10.65 1.11 15.05
N PRO D 15 -10.91 1.86 16.13
CA PRO D 15 -9.93 2.85 16.57
C PRO D 15 -8.77 2.23 17.35
N ASP D 16 -8.86 0.95 17.69
CA ASP D 16 -7.94 0.32 18.64
C ASP D 16 -6.70 -0.30 17.99
N GLY D 17 -6.87 -0.94 16.83
CA GLY D 17 -5.74 -1.55 16.14
C GLY D 17 -6.12 -2.45 14.99
N VAL D 18 -5.14 -3.18 14.47
CA VAL D 18 -5.32 -4.04 13.30
C VAL D 18 -6.16 -5.28 13.63
N ASP D 19 -5.86 -5.94 14.74
CA ASP D 19 -6.61 -7.12 15.17
C ASP D 19 -8.08 -6.77 15.41
N ALA D 20 -8.30 -5.69 16.15
CA ALA D 20 -9.64 -5.20 16.46
C ALA D 20 -10.45 -4.90 15.20
N ALA D 21 -9.79 -4.31 14.21
CA ALA D 21 -10.42 -4.04 12.93
C ALA D 21 -10.79 -5.34 12.22
N ILE D 22 -9.88 -6.31 12.25
CA ILE D 22 -10.14 -7.61 11.62
C ILE D 22 -11.35 -8.28 12.26
N GLN D 23 -11.35 -8.34 13.60
CA GLN D 23 -12.40 -9.06 14.32
C GLN D 23 -13.78 -8.37 14.27
N GLY D 24 -13.78 -7.04 14.13
CA GLY D 24 -15.02 -6.28 14.00
C GLY D 24 -15.67 -6.46 12.64
N GLY D 25 -14.84 -6.54 11.61
CA GLY D 25 -15.34 -6.81 10.26
C GLY D 25 -15.89 -8.22 10.14
N LEU D 26 -15.13 -9.19 10.64
CA LEU D 26 -15.56 -10.58 10.64
C LEU D 26 -16.84 -10.78 11.45
N ALA D 27 -16.95 -10.09 12.58
CA ALA D 27 -18.13 -10.17 13.45
C ALA D 27 -19.41 -9.72 12.74
N ARG D 28 -19.31 -8.70 11.90
CA ARG D 28 -20.47 -8.23 11.13
C ARG D 28 -20.84 -9.26 10.06
N ALA D 29 -19.84 -9.94 9.51
CA ALA D 29 -20.08 -10.99 8.52
C ALA D 29 -20.77 -12.19 9.15
N ALA D 30 -20.45 -12.47 10.42
CA ALA D 30 -20.99 -13.63 11.12
C ALA D 30 -22.44 -13.45 11.55
N GLN D 31 -22.91 -12.21 11.60
CA GLN D 31 -24.31 -11.91 11.95
C GLN D 31 -25.29 -12.40 10.87
N THR D 32 -24.83 -12.45 9.62
CA THR D 32 -25.70 -12.86 8.51
C THR D 32 -25.19 -14.03 7.67
N MET D 33 -23.88 -14.25 7.64
CA MET D 33 -23.30 -15.33 6.84
C MET D 33 -23.04 -16.58 7.67
N ARG D 34 -23.06 -17.73 7.00
CA ARG D 34 -22.91 -19.03 7.65
C ARG D 34 -21.77 -19.81 6.99
N ALA D 35 -21.18 -20.72 7.77
CA ALA D 35 -20.09 -21.57 7.29
C ALA D 35 -18.89 -20.76 6.82
N LEU D 36 -18.57 -19.68 7.55
CA LEU D 36 -17.37 -18.89 7.26
C LEU D 36 -16.16 -19.77 7.55
N ASP D 37 -15.16 -19.71 6.66
CA ASP D 37 -14.04 -20.66 6.73
C ASP D 37 -12.66 -20.01 6.85
N TRP D 38 -12.42 -18.93 6.11
CA TRP D 38 -11.14 -18.25 6.19
C TRP D 38 -11.25 -16.79 5.81
N PHE D 39 -10.20 -16.03 6.15
CA PHE D 39 -10.04 -14.68 5.63
C PHE D 39 -8.60 -14.46 5.20
N GLU D 40 -8.42 -13.45 4.35
CA GLU D 40 -7.09 -12.97 3.96
C GLU D 40 -7.11 -11.45 3.93
N VAL D 41 -6.11 -10.84 4.55
CA VAL D 41 -5.98 -9.39 4.55
C VAL D 41 -5.46 -8.92 3.19
N GLN D 42 -6.20 -8.01 2.57
CA GLN D 42 -5.79 -7.43 1.28
C GLN D 42 -4.96 -6.18 1.50
N SER D 43 -5.35 -5.37 2.47
CA SER D 43 -4.56 -4.19 2.83
C SER D 43 -4.84 -3.70 4.25
N ILE D 44 -3.96 -2.84 4.73
CA ILE D 44 -4.10 -2.18 6.03
C ILE D 44 -3.96 -0.68 5.78
N ARG D 45 -5.00 0.07 6.14
CA ARG D 45 -5.09 1.50 5.90
C ARG D 45 -5.67 2.18 7.14
N GLY D 46 -5.71 3.50 7.12
CA GLY D 46 -6.37 4.23 8.18
C GLY D 46 -6.63 5.69 7.87
N HIS D 47 -7.62 6.23 8.56
CA HIS D 47 -7.96 7.64 8.50
C HIS D 47 -7.28 8.33 9.67
N LEU D 48 -6.70 9.50 9.41
CA LEU D 48 -6.02 10.27 10.45
C LEU D 48 -6.82 11.52 10.81
N VAL D 49 -6.98 11.75 12.11
CA VAL D 49 -7.61 12.97 12.62
C VAL D 49 -6.75 13.51 13.75
N ASP D 50 -6.53 14.83 13.75
CA ASP D 50 -5.70 15.50 14.77
C ASP D 50 -4.30 14.88 14.89
N GLY D 51 -3.76 14.40 13.76
CA GLY D 51 -2.43 13.82 13.72
C GLY D 51 -2.30 12.50 14.47
N ALA D 52 -3.36 11.69 14.39
CA ALA D 52 -3.35 10.35 14.98
C ALA D 52 -4.40 9.50 14.29
N VAL D 53 -4.33 8.19 14.48
CA VAL D 53 -5.22 7.26 13.80
C VAL D 53 -6.61 7.26 14.43
N ALA D 54 -7.60 7.76 13.69
CA ALA D 54 -8.98 7.72 14.15
C ALA D 54 -9.52 6.30 14.02
N HIS D 55 -9.37 5.70 12.85
CA HIS D 55 -9.79 4.32 12.61
C HIS D 55 -8.74 3.54 11.83
N PHE D 56 -8.41 2.36 12.34
CA PHE D 56 -7.71 1.36 11.54
C PHE D 56 -8.74 0.72 10.63
N GLN D 57 -8.34 0.42 9.41
CA GLN D 57 -9.23 -0.16 8.41
C GLN D 57 -8.49 -1.28 7.70
N VAL D 58 -8.91 -2.52 7.95
CA VAL D 58 -8.30 -3.69 7.34
C VAL D 58 -9.24 -4.28 6.30
N CYS D 59 -8.80 -4.28 5.04
CA CYS D 59 -9.57 -4.87 3.96
CA CYS D 59 -9.57 -4.86 3.94
C CYS D 59 -9.34 -6.37 3.92
N MET D 60 -10.43 -7.15 3.93
CA MET D 60 -10.34 -8.59 4.00
C MET D 60 -11.16 -9.29 2.94
N LYS D 61 -10.57 -10.32 2.33
CA LYS D 61 -11.34 -11.32 1.59
C LYS D 61 -11.77 -12.37 2.58
N VAL D 62 -13.02 -12.81 2.47
CA VAL D 62 -13.60 -13.77 3.39
C VAL D 62 -14.29 -14.87 2.60
N GLY D 63 -13.85 -16.11 2.81
CA GLY D 63 -14.39 -17.25 2.09
C GLY D 63 -15.37 -18.06 2.93
N PHE D 64 -16.50 -18.42 2.34
CA PHE D 64 -17.45 -19.31 3.00
C PHE D 64 -18.00 -20.35 2.03
N ARG D 65 -18.35 -21.51 2.57
CA ARG D 65 -18.88 -22.61 1.77
C ARG D 65 -20.30 -22.28 1.33
N LEU D 66 -20.57 -22.36 0.03
CA LEU D 66 -21.89 -22.11 -0.51
C LEU D 66 -22.82 -23.27 -0.14
N GLU D 67 -23.98 -22.93 0.41
CA GLU D 67 -25.05 -23.89 0.61
C GLU D 67 -25.70 -24.16 -0.74
N ASP D 68 -26.53 -25.19 -0.82
CA ASP D 68 -27.20 -25.58 -2.07
C ASP D 68 -28.00 -24.41 -2.65
N SER E 1 27.34 11.13 -18.05
CA SER E 1 28.02 10.40 -16.94
C SER E 1 27.59 10.94 -15.59
N ASN E 2 26.32 11.35 -15.48
CA ASN E 2 25.96 12.35 -14.45
C ASN E 2 24.59 12.31 -13.76
N HIS E 3 23.57 12.93 -14.37
CA HIS E 3 22.35 13.37 -13.66
C HIS E 3 21.64 12.34 -12.77
N THR E 4 21.08 12.82 -11.67
CA THR E 4 20.23 12.02 -10.79
C THR E 4 18.82 12.62 -10.77
N TYR E 5 17.80 11.76 -10.79
CA TYR E 5 16.41 12.22 -10.75
C TYR E 5 15.78 11.88 -9.41
N ARG E 6 14.81 12.69 -9.00
CA ARG E 6 14.05 12.50 -7.78
C ARG E 6 12.63 12.13 -8.19
N VAL E 7 12.00 11.22 -7.45
CA VAL E 7 10.64 10.77 -7.75
C VAL E 7 9.73 10.92 -6.53
N ILE E 8 8.82 11.88 -6.59
CA ILE E 8 7.86 12.11 -5.52
C ILE E 8 6.48 11.64 -5.94
N GLU E 9 5.59 11.51 -4.95
CA GLU E 9 4.26 10.96 -5.15
C GLU E 9 3.23 11.98 -4.69
N ILE E 10 2.27 12.25 -5.57
CA ILE E 10 1.18 13.18 -5.26
C ILE E 10 -0.13 12.60 -5.74
N VAL E 11 -1.24 13.18 -5.30
CA VAL E 11 -2.57 12.80 -5.77
C VAL E 11 -3.29 14.05 -6.28
N GLY E 12 -3.43 14.16 -7.60
CA GLY E 12 -4.22 15.23 -8.20
C GLY E 12 -5.70 14.91 -8.08
N THR E 13 -6.52 15.94 -7.95
CA THR E 13 -7.97 15.75 -7.84
C THR E 13 -8.74 16.75 -8.69
N SER E 14 -9.95 16.34 -9.08
CA SER E 14 -10.82 17.15 -9.91
C SER E 14 -12.21 16.51 -9.96
N PRO E 15 -13.28 17.34 -9.90
CA PRO E 15 -14.62 16.78 -10.07
C PRO E 15 -14.96 16.44 -11.52
N ASP E 16 -14.08 16.80 -12.47
CA ASP E 16 -14.38 16.69 -13.89
C ASP E 16 -13.92 15.40 -14.55
N GLY E 17 -12.82 14.80 -14.06
CA GLY E 17 -12.35 13.54 -14.61
C GLY E 17 -10.91 13.17 -14.29
N VAL E 18 -10.43 12.12 -14.96
CA VAL E 18 -9.08 11.59 -14.78
C VAL E 18 -8.01 12.57 -15.29
N ASP E 19 -8.21 13.08 -16.50
CA ASP E 19 -7.29 14.02 -17.12
C ASP E 19 -7.16 15.30 -16.31
N ALA E 20 -8.31 15.88 -15.97
CA ALA E 20 -8.38 17.10 -15.17
C ALA E 20 -7.70 16.93 -13.82
N ALA E 21 -7.93 15.78 -13.20
CA ALA E 21 -7.28 15.42 -11.93
C ALA E 21 -5.76 15.29 -12.09
N ILE E 22 -5.32 14.69 -13.19
CA ILE E 22 -3.88 14.58 -13.50
C ILE E 22 -3.24 15.97 -13.60
N GLN E 23 -3.81 16.81 -14.45
CA GLN E 23 -3.30 18.16 -14.71
C GLN E 23 -3.37 19.09 -13.49
N GLY E 24 -4.42 18.92 -12.69
CA GLY E 24 -4.57 19.68 -11.46
C GLY E 24 -3.47 19.42 -10.46
N GLY E 25 -3.08 18.15 -10.33
CA GLY E 25 -1.99 17.76 -9.45
C GLY E 25 -0.65 18.28 -9.95
N LEU E 26 -0.39 18.07 -11.23
CA LEU E 26 0.90 18.47 -11.82
C LEU E 26 1.11 19.98 -11.77
N ALA E 27 0.03 20.74 -11.97
CA ALA E 27 0.08 22.20 -11.88
C ALA E 27 0.55 22.67 -10.50
N ARG E 28 0.10 22.00 -9.45
CA ARG E 28 0.56 22.33 -8.10
C ARG E 28 2.04 21.99 -7.96
N ALA E 29 2.44 20.86 -8.54
CA ALA E 29 3.86 20.46 -8.53
C ALA E 29 4.71 21.43 -9.35
N ALA E 30 4.14 22.00 -10.40
CA ALA E 30 4.85 22.95 -11.26
C ALA E 30 5.05 24.31 -10.59
N GLN E 31 4.22 24.62 -9.58
CA GLN E 31 4.32 25.89 -8.86
C GLN E 31 5.62 26.04 -8.07
N THR E 32 6.18 24.93 -7.60
CA THR E 32 7.37 24.95 -6.77
C THR E 32 8.56 24.19 -7.35
N MET E 33 8.30 23.10 -8.08
CA MET E 33 9.38 22.25 -8.57
C MET E 33 9.82 22.63 -9.98
N ARG E 34 11.09 22.35 -10.28
CA ARG E 34 11.70 22.70 -11.57
C ARG E 34 12.27 21.45 -12.23
N ALA E 35 12.36 21.48 -13.55
CA ALA E 35 12.87 20.36 -14.33
C ALA E 35 12.02 19.10 -14.16
N LEU E 36 10.70 19.28 -14.08
CA LEU E 36 9.75 18.18 -14.07
C LEU E 36 9.82 17.47 -15.43
N ASP E 37 9.98 16.15 -15.42
CA ASP E 37 10.23 15.42 -16.66
C ASP E 37 9.13 14.45 -17.07
N TRP E 38 8.71 13.58 -16.15
CA TRP E 38 7.65 12.62 -16.45
C TRP E 38 6.70 12.39 -15.27
N PHE E 39 5.58 11.75 -15.54
CA PHE E 39 4.71 11.22 -14.48
C PHE E 39 4.23 9.83 -14.83
N GLU E 40 3.82 9.09 -13.80
CA GLU E 40 3.21 7.78 -13.98
C GLU E 40 2.06 7.64 -13.01
N VAL E 41 0.89 7.27 -13.53
CA VAL E 41 -0.28 7.03 -12.69
C VAL E 41 -0.09 5.74 -11.90
N GLN E 42 -0.26 5.83 -10.58
CA GLN E 42 -0.20 4.67 -9.69
C GLN E 42 -1.60 4.12 -9.48
N SER E 43 -2.58 5.00 -9.31
CA SER E 43 -3.97 4.55 -9.14
C SER E 43 -5.01 5.62 -9.45
N ILE E 44 -6.19 5.17 -9.86
CA ILE E 44 -7.33 6.03 -10.08
C ILE E 44 -8.38 5.65 -9.05
N ARG E 45 -8.73 6.61 -8.21
CA ARG E 45 -9.69 6.42 -7.13
C ARG E 45 -10.71 7.54 -7.17
N GLY E 46 -11.64 7.53 -6.23
CA GLY E 46 -12.57 8.64 -6.09
C GLY E 46 -13.49 8.55 -4.89
N HIS E 47 -13.93 9.73 -4.43
CA HIS E 47 -14.88 9.84 -3.34
C HIS E 47 -16.28 10.01 -3.91
N LEU E 48 -17.26 9.34 -3.32
CA LEU E 48 -18.64 9.38 -3.78
C LEU E 48 -19.55 10.11 -2.78
N VAL E 49 -20.34 11.06 -3.30
CA VAL E 49 -21.31 11.78 -2.49
C VAL E 49 -22.73 11.45 -3.00
N ASP E 50 -23.52 10.78 -2.14
CA ASP E 50 -24.87 10.31 -2.49
C ASP E 50 -24.97 9.74 -3.91
N GLY E 51 -24.13 8.76 -4.20
CA GLY E 51 -24.20 8.01 -5.45
C GLY E 51 -23.44 8.56 -6.65
N ALA E 52 -22.93 9.78 -6.55
CA ALA E 52 -22.20 10.39 -7.66
C ALA E 52 -20.73 10.60 -7.30
N VAL E 53 -19.86 10.64 -8.30
CA VAL E 53 -18.45 10.95 -8.09
C VAL E 53 -18.29 12.41 -7.70
N ALA E 54 -17.79 12.66 -6.50
CA ALA E 54 -17.51 14.02 -6.05
C ALA E 54 -16.16 14.49 -6.59
N HIS E 55 -15.12 13.70 -6.33
CA HIS E 55 -13.76 14.01 -6.80
C HIS E 55 -13.09 12.77 -7.37
N PHE E 56 -12.63 12.84 -8.61
CA PHE E 56 -11.70 11.85 -9.17
C PHE E 56 -10.36 12.10 -8.51
N GLN E 57 -9.66 11.05 -8.12
CA GLN E 57 -8.38 11.18 -7.43
C GLN E 57 -7.34 10.30 -8.10
N VAL E 58 -6.35 10.92 -8.73
CA VAL E 58 -5.33 10.18 -9.46
C VAL E 58 -3.98 10.31 -8.77
N CYS E 59 -3.51 9.21 -8.21
CA CYS E 59 -2.21 9.17 -7.56
CA CYS E 59 -2.20 9.18 -7.56
C CYS E 59 -1.13 9.02 -8.62
N MET E 60 -0.12 9.90 -8.58
CA MET E 60 0.95 9.89 -9.57
C MET E 60 2.31 9.84 -8.91
N LYS E 61 3.26 9.20 -9.58
CA LYS E 61 4.67 9.39 -9.30
C LYS E 61 5.15 10.44 -10.29
N VAL E 62 5.94 11.40 -9.82
CA VAL E 62 6.42 12.51 -10.66
C VAL E 62 7.93 12.63 -10.58
N GLY E 63 8.60 12.46 -11.72
CA GLY E 63 10.06 12.48 -11.78
C GLY E 63 10.62 13.80 -12.30
N PHE E 64 11.63 14.33 -11.60
CA PHE E 64 12.30 15.56 -12.03
C PHE E 64 13.81 15.50 -11.80
N ARG E 65 14.58 16.14 -12.68
CA ARG E 65 16.04 16.17 -12.55
C ARG E 65 16.44 16.97 -11.32
N LEU E 66 17.33 16.39 -10.52
CA LEU E 66 17.91 17.10 -9.37
C LEU E 66 18.95 18.12 -9.81
N GLU E 67 18.82 19.33 -9.30
CA GLU E 67 19.86 20.35 -9.41
C GLU E 67 20.94 20.05 -8.37
N ASP E 68 22.15 20.53 -8.59
CA ASP E 68 23.31 20.19 -7.76
C ASP E 68 23.07 20.43 -6.27
N SER F 1 -20.85 -0.11 17.52
CA SER F 1 -19.36 -0.09 17.37
C SER F 1 -18.89 1.07 16.49
N ASN F 2 -18.80 0.72 15.21
CA ASN F 2 -17.85 1.32 14.27
CA ASN F 2 -18.06 1.44 14.21
C ASN F 2 -18.05 0.54 12.99
N HIS F 3 -18.06 1.20 11.86
CA HIS F 3 -18.58 0.61 10.65
C HIS F 3 -17.72 -0.44 9.96
N THR F 4 -18.42 -1.27 9.18
CA THR F 4 -17.81 -2.24 8.31
C THR F 4 -18.21 -1.85 6.89
N TYR F 5 -17.26 -1.86 5.97
CA TYR F 5 -17.58 -1.58 4.58
C TYR F 5 -17.56 -2.87 3.78
N ARG F 6 -18.43 -2.90 2.77
CA ARG F 6 -18.49 -3.99 1.82
C ARG F 6 -17.87 -3.46 0.54
N VAL F 7 -17.07 -4.31 -0.12
CA VAL F 7 -16.39 -3.90 -1.34
C VAL F 7 -16.75 -4.85 -2.48
N ILE F 8 -17.53 -4.35 -3.44
CA ILE F 8 -17.95 -5.14 -4.59
C ILE F 8 -17.19 -4.71 -5.83
N GLU F 9 -17.28 -5.54 -6.87
CA GLU F 9 -16.57 -5.28 -8.11
C GLU F 9 -17.53 -5.28 -9.29
N ILE F 10 -17.51 -4.18 -10.06
CA ILE F 10 -18.34 -4.05 -11.26
C ILE F 10 -17.49 -3.59 -12.44
N VAL F 11 -18.08 -3.62 -13.64
CA VAL F 11 -17.44 -3.04 -14.82
C VAL F 11 -18.37 -2.03 -15.48
N GLY F 12 -17.98 -0.77 -15.41
CA GLY F 12 -18.68 0.28 -16.14
C GLY F 12 -18.21 0.30 -17.58
N THR F 13 -19.14 0.58 -18.50
CA THR F 13 -18.83 0.66 -19.91
C THR F 13 -19.46 1.89 -20.56
N SER F 14 -18.79 2.39 -21.59
CA SER F 14 -19.29 3.52 -22.36
C SER F 14 -18.48 3.60 -23.65
N PRO F 15 -19.13 4.00 -24.75
CA PRO F 15 -18.39 4.21 -25.98
C PRO F 15 -17.62 5.55 -26.01
N ASP F 16 -17.78 6.36 -24.96
CA ASP F 16 -17.30 7.74 -24.96
C ASP F 16 -15.95 7.95 -24.28
N GLY F 17 -15.59 7.06 -23.36
CA GLY F 17 -14.28 7.15 -22.70
C GLY F 17 -14.23 6.56 -21.32
N VAL F 18 -13.11 6.81 -20.64
CA VAL F 18 -12.84 6.24 -19.33
C VAL F 18 -13.71 6.87 -18.24
N ASP F 19 -13.85 8.20 -18.27
CA ASP F 19 -14.68 8.91 -17.30
C ASP F 19 -16.14 8.45 -17.38
N ALA F 20 -16.69 8.47 -18.60
CA ALA F 20 -18.08 8.09 -18.81
C ALA F 20 -18.34 6.64 -18.43
N ALA F 21 -17.39 5.76 -18.72
CA ALA F 21 -17.48 4.36 -18.32
C ALA F 21 -17.51 4.27 -16.79
N ILE F 22 -16.61 4.98 -16.13
CA ILE F 22 -16.57 5.04 -14.67
C ILE F 22 -17.91 5.51 -14.12
N GLN F 23 -18.36 6.68 -14.56
CA GLN F 23 -19.65 7.23 -14.12
C GLN F 23 -20.83 6.33 -14.51
N GLY F 24 -20.70 5.61 -15.63
CA GLY F 24 -21.71 4.66 -16.07
C GLY F 24 -21.93 3.51 -15.11
N GLY F 25 -20.85 2.86 -14.68
CA GLY F 25 -20.92 1.75 -13.74
C GLY F 25 -21.48 2.16 -12.39
N LEU F 26 -21.01 3.28 -11.87
CA LEU F 26 -21.43 3.78 -10.56
C LEU F 26 -22.92 4.17 -10.55
N ALA F 27 -23.42 4.68 -11.66
CA ALA F 27 -24.82 5.08 -11.77
C ALA F 27 -25.74 3.86 -11.65
N ARG F 28 -25.29 2.72 -12.19
CA ARG F 28 -26.02 1.46 -12.05
C ARG F 28 -25.95 0.94 -10.61
N ALA F 29 -24.80 1.08 -9.97
CA ALA F 29 -24.65 0.67 -8.58
C ALA F 29 -25.51 1.54 -7.65
N ALA F 30 -25.57 2.83 -7.95
CA ALA F 30 -26.33 3.79 -7.15
C ALA F 30 -27.84 3.60 -7.26
N GLN F 31 -28.31 2.92 -8.30
CA GLN F 31 -29.73 2.62 -8.45
C GLN F 31 -30.26 1.73 -7.32
N THR F 32 -29.40 0.87 -6.79
CA THR F 32 -29.81 -0.10 -5.77
C THR F 32 -28.97 -0.10 -4.48
N MET F 33 -27.79 0.51 -4.48
CA MET F 33 -26.92 0.50 -3.30
C MET F 33 -26.90 1.86 -2.59
N ARG F 34 -26.81 1.81 -1.26
CA ARG F 34 -26.87 2.99 -0.41
C ARG F 34 -25.53 3.17 0.32
N ALA F 35 -25.21 4.43 0.62
CA ALA F 35 -23.98 4.78 1.32
C ALA F 35 -22.74 4.40 0.52
N LEU F 36 -22.79 4.58 -0.79
CA LEU F 36 -21.60 4.40 -1.63
C LEU F 36 -20.58 5.46 -1.25
N ASP F 37 -19.36 5.04 -0.96
CA ASP F 37 -18.35 5.93 -0.40
C ASP F 37 -17.17 6.16 -1.34
N TRP F 38 -16.62 5.08 -1.89
CA TRP F 38 -15.46 5.21 -2.77
C TRP F 38 -15.42 4.18 -3.89
N PHE F 39 -14.54 4.43 -4.85
CA PHE F 39 -14.20 3.44 -5.87
C PHE F 39 -12.70 3.42 -6.10
N GLU F 40 -12.22 2.31 -6.65
CA GLU F 40 -10.85 2.20 -7.14
C GLU F 40 -10.88 1.45 -8.45
N VAL F 41 -10.21 1.98 -9.48
CA VAL F 41 -10.10 1.30 -10.75
C VAL F 41 -9.15 0.12 -10.61
N GLN F 42 -9.57 -1.04 -11.11
CA GLN F 42 -8.74 -2.25 -11.13
C GLN F 42 -8.04 -2.40 -12.48
N SER F 43 -8.77 -2.11 -13.55
CA SER F 43 -8.19 -2.11 -14.89
C SER F 43 -9.03 -1.29 -15.87
N ILE F 44 -8.39 -0.90 -16.97
CA ILE F 44 -9.07 -0.23 -18.07
C ILE F 44 -8.87 -1.07 -19.32
N ARG F 45 -9.98 -1.51 -19.91
CA ARG F 45 -9.99 -2.39 -21.07
C ARG F 45 -11.01 -1.88 -22.07
N GLY F 46 -11.07 -2.52 -23.23
CA GLY F 46 -12.12 -2.23 -24.20
C GLY F 46 -12.24 -3.30 -25.28
N HIS F 47 -13.43 -3.37 -25.88
CA HIS F 47 -13.69 -4.23 -27.02
C HIS F 47 -13.56 -3.38 -28.29
N LEU F 48 -12.93 -3.94 -29.31
CA LEU F 48 -12.72 -3.24 -30.58
C LEU F 48 -13.61 -3.82 -31.68
N VAL F 49 -14.24 -2.96 -32.45
CA VAL F 49 -15.03 -3.36 -33.62
C VAL F 49 -14.59 -2.55 -34.84
N ASP F 50 -14.33 -3.26 -35.95
CA ASP F 50 -13.83 -2.67 -37.18
C ASP F 50 -12.66 -1.69 -36.98
N GLY F 51 -11.74 -2.04 -36.08
CA GLY F 51 -10.54 -1.25 -35.85
C GLY F 51 -10.67 -0.04 -34.92
N ALA F 52 -11.85 0.12 -34.32
CA ALA F 52 -12.10 1.26 -33.42
C ALA F 52 -12.74 0.78 -32.12
N VAL F 53 -12.60 1.57 -31.05
CA VAL F 53 -13.12 1.21 -29.73
C VAL F 53 -14.65 1.29 -29.72
N ALA F 54 -15.28 0.13 -29.52
CA ALA F 54 -16.74 0.06 -29.41
C ALA F 54 -17.16 0.53 -28.02
N HIS F 55 -16.53 -0.06 -27.01
CA HIS F 55 -16.79 0.31 -25.62
C HIS F 55 -15.51 0.36 -24.79
N PHE F 56 -15.38 1.39 -23.98
CA PHE F 56 -14.40 1.40 -22.91
C PHE F 56 -15.00 0.61 -21.77
N GLN F 57 -14.16 -0.16 -21.08
CA GLN F 57 -14.62 -1.02 -20.00
C GLN F 57 -13.71 -0.83 -18.80
N VAL F 58 -14.24 -0.23 -17.74
CA VAL F 58 -13.45 0.10 -16.57
C VAL F 58 -13.93 -0.72 -15.39
N CYS F 59 -13.07 -1.66 -14.96
CA CYS F 59 -13.34 -2.51 -13.82
CA CYS F 59 -13.36 -2.51 -13.81
C CYS F 59 -13.05 -1.75 -12.52
N MET F 60 -14.04 -1.67 -11.64
CA MET F 60 -13.90 -0.94 -10.39
C MET F 60 -14.25 -1.77 -9.17
N LYS F 61 -13.47 -1.62 -8.11
CA LYS F 61 -13.90 -2.01 -6.76
C LYS F 61 -14.71 -0.84 -6.23
N VAL F 62 -15.82 -1.13 -5.55
CA VAL F 62 -16.71 -0.08 -5.04
C VAL F 62 -17.11 -0.36 -3.60
N GLY F 63 -16.75 0.55 -2.69
CA GLY F 63 -16.97 0.36 -1.26
C GLY F 63 -18.13 1.17 -0.70
N PHE F 64 -19.03 0.50 0.01
CA PHE F 64 -20.15 1.18 0.68
C PHE F 64 -20.30 0.75 2.14
N ARG F 65 -20.86 1.65 2.95
CA ARG F 65 -21.04 1.41 4.39
C ARG F 65 -22.19 0.43 4.64
N LEU F 66 -21.90 -0.66 5.34
CA LEU F 66 -22.91 -1.67 5.66
C LEU F 66 -23.90 -1.15 6.69
N GLU F 67 -25.18 -1.41 6.44
CA GLU F 67 -26.23 -1.17 7.39
C GLU F 67 -26.33 -2.40 8.27
N ASP F 68 -27.12 -2.33 9.34
CA ASP F 68 -27.17 -3.41 10.33
C ASP F 68 -27.82 -4.68 9.76
C1 420 G . 3.16 -16.90 2.48
C1 420 G . 3.24 -16.91 2.47
C2 420 G . 2.12 -17.93 2.11
C2 420 G . 2.70 -18.06 1.68
O3 420 G . 2.36 -19.14 2.21
O3 420 G . 3.39 -18.72 0.91
N4 420 G . 0.92 -17.41 1.68
N4 420 G . 1.36 -18.33 1.92
C5 420 G . -0.15 -18.31 1.30
C5 420 G . 0.70 -19.43 1.24
C6 420 G . -1.19 -18.48 2.40
C6 420 G . 1.72 -20.31 0.53
N7 420 G . -0.90 -19.58 3.34
N7 420 G . 1.20 -20.77 -0.77
S8 420 G . -1.22 -19.41 4.99
O9 420 G . -2.27 -18.41 5.12
O10 420 G . 0.07 -19.21 5.63
C11 420 G . -1.90 -20.96 5.57
C12 420 G . -1.38 -21.50 6.74
C13 420 G . -1.85 -22.69 7.25
C14 420 G . -2.87 -23.38 6.59
C15 420 G . -3.44 -22.89 5.39
C16 420 G . -2.95 -21.66 4.87
C17 420 G . -3.53 -21.18 3.67
C18 420 G . -4.53 -21.88 3.03
C19 420 G . -5.01 -23.08 3.55
C20 420 G . -4.48 -23.63 4.73
N21 420 G . -5.01 -24.84 5.16
C22 420 G . -6.07 -25.49 4.40
C23 420 G . -4.52 -25.47 6.38
N1A COA H . 23.43 -21.86 9.24
C2A COA H . 23.70 -23.17 8.87
N3A COA H . 23.09 -24.21 9.56
C4A COA H . 22.25 -23.95 10.59
C5A COA H . 21.98 -22.64 10.96
C6A COA H . 22.57 -21.58 10.28
N6A COA H . 22.68 -20.41 10.90
N7A COA H . 21.11 -22.68 12.00
C8A COA H . 20.84 -23.97 12.29
N9A COA H . 21.54 -24.77 11.42
C1B COA H . 21.35 -26.21 11.23
C2B COA H . 21.35 -27.02 12.53
O2B COA H . 22.63 -27.32 13.02
C3B COA H . 20.62 -28.25 12.05
O3B COA H . 21.50 -28.99 11.24
P3B COA H . 21.69 -30.59 11.30
O7A COA H . 22.33 -30.96 12.62
O8A COA H . 22.57 -30.99 10.13
O9A COA H . 20.33 -31.25 11.20
C4B COA H . 19.53 -27.66 11.17
O4B COA H . 20.10 -26.48 10.61
C5B COA H . 18.28 -27.29 11.96
O5B COA H . 17.62 -28.47 12.36
P1A COA H . 16.21 -28.86 11.67
O1A COA H . 15.93 -30.33 11.87
O2A COA H . 16.24 -28.50 10.20
O3A COA H . 15.16 -27.96 12.50
P2A COA H . 13.60 -28.08 12.21
O4A COA H . 12.89 -26.82 12.63
O5A COA H . 13.01 -29.30 12.91
O6A COA H . 13.47 -28.24 10.62
CBP COA H . 12.67 -29.28 8.62
CCP COA H . 13.18 -29.49 10.03
CDP COA H . 12.59 -30.64 7.93
CEP COA H . 11.28 -28.67 8.73
CAP COA H . 13.57 -28.34 7.82
OAP COA H . 14.92 -28.73 7.92
C9P COA H . 13.14 -28.29 6.38
O9P COA H . 11.83 -27.89 6.05
N8P COA H . 14.03 -28.65 5.47
C7P COA H . 13.70 -28.61 4.06
C6P COA H . 13.10 -29.94 3.62
C5P COA H . 12.76 -29.87 2.16
O5P COA H . 13.29 -29.05 1.41
N4P COA H . 11.86 -30.74 1.72
C3P COA H . 12.16 -31.62 0.62
C2P COA H . 10.89 -32.25 0.04
S1P COA H . 10.91 -32.27 -1.77
N1 FMN I . 17.35 -5.60 8.42
C2 FMN I . 16.27 -5.15 9.14
O2 FMN I . 16.45 -4.64 10.25
N3 FMN I . 14.98 -5.27 8.63
C4 FMN I . 14.79 -5.85 7.40
O4 FMN I . 13.65 -5.95 6.95
C4A FMN I . 15.88 -6.30 6.67
N5 FMN I . 15.70 -6.88 5.42
C5A FMN I . 16.79 -7.33 4.71
C6 FMN I . 16.61 -7.90 3.46
C7 FMN I . 17.69 -8.36 2.73
C7M FMN I . 17.49 -8.98 1.37
C8 FMN I . 18.97 -8.23 3.25
C8M FMN I . 20.14 -8.73 2.46
C9 FMN I . 19.17 -7.65 4.49
C9A FMN I . 18.07 -7.19 5.23
N10 FMN I . 18.25 -6.63 6.47
C10 FMN I . 17.16 -6.17 7.19
C1' FMN I . 19.63 -6.46 7.07
C2' FMN I . 20.07 -7.69 7.82
O2' FMN I . 19.67 -7.61 9.17
C3' FMN I . 21.59 -7.81 7.72
O3' FMN I . 21.94 -9.09 7.29
C4' FMN I . 22.28 -7.51 9.05
O4' FMN I . 23.63 -7.17 8.81
C5' FMN I . 22.24 -8.72 9.98
O5' FMN I . 23.01 -9.76 9.43
P FMN I . 24.38 -10.21 10.14
O1P FMN I . 24.58 -9.33 11.36
O2P FMN I . 24.28 -11.65 10.58
O3P FMN I . 25.52 -10.04 9.18
CL CL J . 8.54 -16.33 -2.97
C1 420 K . 7.71 0.38 2.16
C1 420 K . 7.79 0.21 2.24
C2 420 K . 9.13 0.03 1.77
C2 420 K . 9.04 -0.61 2.43
O3 420 K . 9.67 0.45 0.75
O3 420 K . 10.13 -0.09 2.64
N4 420 K . 9.72 -0.82 2.69
N4 420 K . 8.84 -1.97 2.33
C5 420 K . 11.08 -1.31 2.54
C5 420 K . 9.93 -2.91 2.48
C6 420 K . 11.28 -2.57 3.40
C6 420 K . 9.83 -4.07 1.48
N7 420 K . 12.21 -2.31 4.51
N7 420 K . 8.98 -3.67 0.33
S8 420 K . 11.63 -2.04 6.07
S8 420 K . 8.75 -4.73 -0.94
O9 420 K . 11.01 -3.29 6.52
O9 420 K . 9.79 -4.45 -1.92
O10 420 K . 10.90 -0.79 6.05
O10 420 K . 8.58 -6.06 -0.37
C11 420 K . 13.10 -1.81 7.04
C12 420 K . 13.00 -1.00 8.18
C13 420 K . 14.13 -0.80 8.95
C14 420 K . 15.34 -1.39 8.61
C15 420 K . 15.48 -2.23 7.48
C16 420 K . 14.33 -2.44 6.67
C17 420 K . 14.46 -3.27 5.53
C18 420 K . 15.67 -3.87 5.20
C19 420 K . 16.79 -3.65 5.99
C20 420 K . 16.73 -2.84 7.15
N21 420 K . 17.90 -2.68 7.88
C22 420 K . 17.89 -1.84 9.08
C23 420 K . 19.12 -3.33 7.45
N1A COA L . 1.76 21.17 3.18
C2A COA L . 2.84 21.93 2.78
N3A COA L . 3.90 22.13 3.66
C4A COA L . 3.87 21.58 4.90
C5A COA L . 2.78 20.82 5.31
C6A COA L . 1.72 20.62 4.44
N6A COA L . 0.61 20.02 4.87
N7A COA L . 3.02 20.42 6.56
C8A COA L . 4.20 20.90 6.97
N9A COA L . 4.76 21.62 5.95
C1B COA L . 6.18 21.96 5.83
C2B COA L . 6.71 22.74 7.03
O2B COA L . 6.41 24.12 6.99
C3B COA L . 8.19 22.49 6.90
O3B COA L . 8.76 23.32 5.93
P3B COA L . 9.88 24.41 6.33
O7A COA L . 9.30 25.38 7.34
O8A COA L . 10.35 25.15 5.10
O9A COA L . 11.05 23.67 6.95
C4B COA L . 8.22 21.03 6.43
O4B COA L . 6.99 20.80 5.78
C5B COA L . 8.38 20.11 7.62
O5B COA L . 9.67 20.25 8.18
P1A COA L . 10.74 19.09 7.93
O1A COA L . 12.09 19.50 8.47
O2A COA L . 10.82 18.74 6.47
O3A COA L . 10.18 17.87 8.82
P2A COA L . 11.11 16.62 9.19
O4A COA L . 10.24 15.51 9.74
O5A COA L . 12.19 17.00 10.17
O6A COA L . 11.74 16.15 7.78
CBP COA L . 13.42 15.66 6.14
CCP COA L . 13.04 16.51 7.35
CDP COA L . 14.92 15.78 5.90
CEP COA L . 13.08 14.20 6.47
CAP COA L . 12.70 16.17 4.90
OAP COA L . 11.35 16.50 5.14
C9P COA L . 12.73 15.23 3.73
O9P COA L . 12.81 13.82 3.85
N8P COA L . 12.69 15.83 2.55
C7P COA L . 13.05 15.15 1.33
C6P COA L . 14.51 14.74 1.34
C5P COA L . 15.00 14.64 -0.09
O5P COA L . 14.17 14.53 -1.01
N4P COA L . 16.31 14.66 -0.28
C3P COA L . 16.89 14.39 -1.58
C2P COA L . 18.16 13.57 -1.48
S1P COA L . 18.83 13.21 -3.12
N1 FMN M . -9.68 7.74 3.71
C2 FMN M . -9.67 6.70 4.60
O2 FMN M . -10.39 6.74 5.60
N3 FMN M . -8.88 5.59 4.37
C4 FMN M . -8.09 5.53 3.25
O4 FMN M . -7.39 4.54 3.04
C4A FMN M . -8.09 6.58 2.34
N5 FMN M . -7.29 6.53 1.22
C5A FMN M . -7.29 7.59 0.32
C6 FMN M . -6.50 7.55 -0.82
C7 FMN M . -6.50 8.60 -1.71
C7M FMN M . -5.64 8.55 -2.95
C8 FMN M . -7.30 9.71 -1.47
C8M FMN M . -7.30 10.85 -2.44
C9 FMN M . -8.09 9.77 -0.33
C9A FMN M . -8.10 8.70 0.56
N10 FMN M . -8.89 8.75 1.69
C10 FMN M . -8.88 7.69 2.58
C1' FMN M . -9.76 9.95 1.95
C2' FMN M . -8.90 11.09 2.48
O2' FMN M . -9.20 11.32 3.84
C3' FMN M . -9.15 12.35 1.67
O3' FMN M . -7.91 12.93 1.32
C4' FMN M . -9.98 13.36 2.45
O4' FMN M . -10.89 13.99 1.58
C5' FMN M . -9.10 14.41 3.11
O5' FMN M . -9.84 15.58 3.37
P FMN M . -9.16 17.04 3.39
O1P FMN M . -10.01 17.94 4.25
O2P FMN M . -7.76 16.98 3.94
O3P FMN M . -9.11 17.60 1.98
CL CL N . 5.92 3.00 -4.19
CL CL O . 11.60 18.53 1.57
C1 420 P . 11.67 5.39 -10.32
C1 420 P . 11.14 3.47 -9.63
C2 420 P . 10.29 4.83 -10.61
C2 420 P . 11.12 3.35 -11.12
O3 420 P . 9.38 4.92 -9.79
O3 420 P . 11.67 4.19 -11.85
N4 420 P . 10.11 4.25 -11.85
N4 420 P . 10.46 2.25 -11.61
C5 420 P . 11.10 4.10 -12.90
C5 420 P . 9.83 1.24 -10.78
C6 420 P . 10.74 4.88 -14.16
C6 420 P . 8.84 1.82 -9.76
N7 420 P . 11.53 6.13 -14.30
N7 420 P . 7.57 1.06 -9.79
S8 420 P . 13.09 6.16 -14.95
S8 420 P . 7.42 -0.47 -9.09
O9 420 P . 13.25 4.99 -15.78
O9 420 P . 8.64 -1.20 -9.38
O10 420 P . 13.98 6.42 -13.82
O10 420 P . 6.94 -0.28 -7.73
C11 420 P . 13.16 7.59 -16.02
C12 420 P . 14.27 8.41 -15.88
C13 420 P . 14.40 9.54 -16.67
C14 420 P . 13.43 9.85 -17.62
C15 420 P . 12.27 9.06 -17.81
C16 420 P . 12.14 7.89 -16.98
C17 420 P . 10.98 7.10 -17.18
C18 420 P . 10.04 7.44 -18.13
C19 420 P . 10.17 8.57 -18.91
C20 420 P . 11.29 9.42 -18.79
N21 420 P . 11.31 10.53 -19.65
C22 420 P . 10.22 10.75 -20.59
C23 420 P . 12.40 11.47 -19.61
N1A COA Q . 17.03 13.53 9.35
C2A COA Q . 16.46 14.80 9.39
N3A COA Q . 16.92 15.79 8.53
C4A COA Q . 17.92 15.50 7.65
C5A COA Q . 18.49 14.24 7.60
C6A COA Q . 18.03 13.24 8.45
N6A COA Q . 18.70 12.10 8.55
N7A COA Q . 19.43 14.24 6.65
C8A COA Q . 19.49 15.47 6.10
N9A COA Q . 18.56 16.26 6.71
C1B COA Q . 17.99 17.48 6.11
C2B COA Q . 19.00 18.60 6.06
O2B COA Q . 19.04 19.33 7.26
C3B COA Q . 18.49 19.42 4.89
O3B COA Q . 17.52 20.34 5.29
P3B COA Q . 17.85 21.88 5.62
O7A COA Q . 19.15 21.95 6.39
O8A COA Q . 16.70 22.42 6.44
O9A COA Q . 17.98 22.64 4.32
C4B COA Q . 17.82 18.40 3.99
O4B COA Q . 17.61 17.23 4.77
C5B COA Q . 18.67 18.10 2.78
O5B COA Q . 18.75 19.28 2.02
P1A COA Q . 18.01 19.36 0.60
O1A COA Q . 18.15 20.72 -0.02
O2A COA Q . 16.57 18.95 0.76
O3A COA Q . 18.88 18.30 -0.22
P2A COA Q . 18.69 18.04 -1.79
O4A COA Q . 19.27 16.69 -2.10
O5A COA Q . 19.34 19.12 -2.63
O6A COA Q . 17.09 18.03 -1.97
CBP COA Q . 15.01 18.59 -2.97
CCP COA Q . 16.36 19.11 -2.50
CDP COA Q . 14.02 19.74 -3.02
CEP COA Q . 15.19 18.01 -4.36
CAP COA Q . 14.51 17.51 -2.03
OAP COA Q . 14.60 17.96 -0.69
C9P COA Q . 13.09 17.11 -2.35
O9P COA Q . 12.79 16.41 -3.53
N8P COA Q . 12.15 17.46 -1.46
C7P COA Q . 10.76 17.12 -1.68
C6P COA Q . 10.11 18.05 -2.69
C5P COA Q . 8.62 17.85 -2.73
O5P COA Q . 8.09 16.94 -2.06
N4P COA Q . 7.93 18.66 -3.52
C3P COA Q . 6.48 18.65 -3.53
C2P COA Q . 5.90 19.20 -4.82
S1P COA Q . 4.09 19.16 -4.76
N1 FMN R . 19.40 -3.58 6.13
C2 FMN R . 20.13 -4.15 5.10
O2 FMN R . 21.29 -4.50 5.31
N3 FMN R . 19.55 -4.32 3.86
C4 FMN R . 18.25 -3.92 3.64
O4 FMN R . 17.74 -4.07 2.53
C4A FMN R . 17.52 -3.35 4.67
N5 FMN R . 16.21 -2.95 4.46
C5A FMN R . 15.48 -2.38 5.49
C6 FMN R . 14.17 -1.98 5.27
C7 FMN R . 13.44 -1.41 6.31
C7M FMN R . 12.01 -0.98 6.08
C8 FMN R . 14.02 -1.23 7.56
C8M FMN R . 13.22 -0.62 8.68
C9 FMN R . 15.33 -1.64 7.77
C9A FMN R . 16.06 -2.21 6.74
N10 FMN R . 17.37 -2.61 6.95
C10 FMN R . 18.10 -3.18 5.92
C1' FMN R . 18.00 -2.44 8.30
C2' FMN R . 18.40 -0.99 8.58
O2' FMN R . 19.61 -0.70 7.91
C3' FMN R . 18.57 -0.80 10.09
O3' FMN R . 17.75 0.27 10.51
C4' FMN R . 20.01 -0.52 10.49
O4' FMN R . 20.86 -1.47 9.88
C5' FMN R . 20.20 -0.57 12.00
O5' FMN R . 20.73 0.66 12.47
P FMN R . 19.74 1.91 12.64
O1P FMN R . 19.62 2.23 14.10
O2P FMN R . 20.26 3.11 11.87
O3P FMN R . 18.42 1.48 12.08
C1 420 S . -10.43 -3.22 0.32
C1 420 S . -10.29 -3.18 0.30
C2 420 S . -9.69 -3.22 -1.01
C2 420 S . -9.36 -3.08 -0.89
O3 420 S . -9.25 -4.25 -1.52
O3 420 S . -9.78 -2.89 -2.02
N4 420 S . -9.56 -1.97 -1.59
N4 420 S . -8.01 -3.21 -0.57
C5 420 S . -10.07 -0.74 -1.00
C5 420 S . -6.98 -3.13 -1.59
C6 420 S . -9.05 -0.13 -0.03
C6 420 S . -5.99 -4.31 -1.49
N7 420 S . -9.57 1.10 0.61
N7 420 S . -5.71 -4.89 -2.81
S8 420 S . -10.32 1.02 2.13
S8 420 S . -5.56 -6.55 -3.04
O9 420 S . -9.26 1.00 3.13
O9 420 S . -4.29 -6.97 -2.47
O10 420 S . -11.29 -0.05 2.06
O10 420 S . -6.83 -7.16 -2.65
C11 420 S . -11.22 2.54 2.38
C12 420 S . -11.90 2.63 3.59
C13 420 S . -12.63 3.76 3.89
C14 420 S . -12.70 4.80 2.97
C15 420 S . -12.04 4.79 1.73
C16 420 S . -11.28 3.61 1.42
C17 420 S . -10.62 3.59 0.16
C18 420 S . -10.71 4.65 -0.71
C19 420 S . -11.46 5.78 -0.39
C20 420 S . -12.15 5.91 0.83
N21 420 S . -12.85 7.11 0.98
C22 420 S . -12.81 8.10 -0.08
C23 420 S . -13.61 7.38 2.18
N1A COA T . -24.37 -20.13 1.67
C2A COA T . -25.49 -19.74 0.97
N3A COA T . -26.32 -18.76 1.45
C4A COA T . -26.04 -18.16 2.64
C5A COA T . -24.91 -18.54 3.36
C6A COA T . -24.08 -19.54 2.88
N6A COA T . -23.16 -20.07 3.68
N7A COA T . -24.87 -17.81 4.48
C8A COA T . -25.93 -16.96 4.49
N9A COA T . -26.66 -17.17 3.35
C1B COA T . -27.57 -16.15 2.78
C2B COA T . -28.79 -15.88 3.64
O2B COA T . -29.84 -16.81 3.45
C3B COA T . -29.19 -14.51 3.19
O3B COA T . -29.98 -14.57 2.03
P3B COA T . -31.49 -14.01 1.96
O7A COA T . -31.61 -12.75 2.77
O8A COA T . -32.42 -15.08 2.47
O9A COA T . -31.81 -13.68 0.52
C4B COA T . -27.87 -13.84 2.85
O4B COA T . -26.93 -14.89 2.67
C5B COA T . -27.44 -12.91 3.98
O5B COA T . -28.29 -11.79 4.00
P1A COA T . -27.74 -10.34 3.55
O1A COA T . -28.90 -9.42 3.27
O2A COA T . -26.84 -10.46 2.34
O3A COA T . -26.93 -9.88 4.86
P2A COA T . -26.01 -8.57 4.93
O4A COA T . -24.73 -8.92 5.66
O5A COA T . -26.73 -7.46 5.66
O6A COA T . -25.66 -8.14 3.42
CBP COA T . -25.67 -6.80 1.44
CCP COA T . -26.47 -7.27 2.65
CDP COA T . -26.63 -6.16 0.44
CEP COA T . -24.68 -5.76 1.95
CAP COA T . -24.92 -7.97 0.78
OAP COA T . -25.78 -9.07 0.58
C9P COA T . -24.29 -7.57 -0.53
O9P COA T . -23.27 -6.62 -0.52
N8P COA T . -24.71 -8.19 -1.64
C7P COA T . -25.05 -7.50 -2.87
C6P COA T . -24.04 -6.47 -3.35
C5P COA T . -24.11 -6.31 -4.86
O5P COA T . -23.44 -7.08 -5.57
N4P COA T . -24.89 -5.36 -5.36
C3P COA T . -24.88 -5.01 -6.77
C2P COA T . -24.83 -3.51 -7.00
S1P COA T . -24.37 -3.12 -8.72
N1 FMN U . -7.78 -22.52 5.60
C2 FMN U . -7.09 -21.84 6.57
O2 FMN U . -7.00 -22.30 7.70
N3 FMN U . -6.47 -20.63 6.27
C4 FMN U . -6.56 -20.12 4.99
O4 FMN U . -6.02 -19.04 4.73
C4A FMN U . -7.28 -20.79 4.02
N5 FMN U . -7.38 -20.29 2.74
C5A FMN U . -8.09 -20.98 1.77
C6 FMN U . -8.19 -20.46 0.49
C7 FMN U . -8.91 -21.16 -0.48
C7M FMN U . -9.02 -20.60 -1.87
C8 FMN U . -9.52 -22.36 -0.17
C8M FMN U . -10.28 -23.11 -1.22
C9 FMN U . -9.41 -22.88 1.12
C9A FMN U . -8.69 -22.18 2.09
N10 FMN U . -8.59 -22.69 3.37
C10 FMN U . -7.88 -22.01 4.33
C1' FMN U . -9.24 -24.00 3.71
C2' FMN U . -10.73 -23.78 3.95
O2' FMN U . -10.92 -23.24 5.24
C3' FMN U . -11.46 -25.11 3.82
O3' FMN U . -12.56 -24.96 2.94
C4' FMN U . -11.97 -25.59 5.17
O4' FMN U . -10.92 -26.23 5.86
C5' FMN U . -13.14 -26.55 5.00
O5' FMN U . -14.30 -25.84 4.62
P FMN U . -15.73 -26.48 4.95
O1P FMN U . -15.83 -26.67 6.45
O2P FMN U . -16.85 -25.57 4.49
O3P FMN U . -15.86 -27.81 4.26
S SO4 V . -17.66 -9.58 -4.40
O1 SO4 V . -16.62 -9.56 -3.36
O2 SO4 V . -18.88 -8.96 -3.87
O3 SO4 V . -17.20 -8.84 -5.57
O4 SO4 V . -17.95 -10.96 -4.79
C1 420 W . -0.57 6.14 -5.17
C1 420 W . -0.67 6.19 -5.17
C2 420 W . -1.57 6.04 -4.04
C2 420 W . -1.59 6.21 -3.98
O3 420 W . -1.43 6.65 -2.98
O3 420 W . -2.82 6.36 -4.07
N4 420 W . -2.64 5.21 -4.29
N4 420 W . -0.90 6.06 -2.80
C5 420 W . -3.68 5.02 -3.31
C5 420 W . -1.55 6.03 -1.50
C6 420 W . -3.94 6.28 -2.48
C6 420 W . -1.33 4.66 -0.87
N7 420 W . -5.38 6.63 -2.43
N7 420 W . -1.34 3.65 -1.95
S8 420 W . -5.95 8.09 -3.07
S8 420 W . 0.07 3.00 -2.57
O9 420 W . -7.03 7.77 -3.98
O9 420 W . 1.10 4.01 -2.45
O10 420 W . -4.77 8.81 -3.50
O10 420 W . 0.23 1.66 -1.99
C11 420 W . -6.68 8.99 -1.72
C12 420 W . -6.70 10.39 -1.81
C13 420 W . -7.25 11.14 -0.79
C14 420 W . -7.80 10.52 0.34
C15 420 W . -7.82 9.11 0.49
C16 420 W . -7.24 8.35 -0.57
C17 420 W . -7.24 6.94 -0.45
C18 420 W . -7.78 6.32 0.66
C19 420 W . -8.33 7.08 1.67
C20 420 W . -8.39 8.49 1.65
N21 420 W . -8.99 9.07 2.78
C22 420 W . -9.49 8.23 3.85
C23 420 W . -9.11 10.52 2.89
N1A COA X . 16.45 20.43 -7.76
C2A COA X . 16.76 20.86 -6.49
N3A COA X . 15.84 21.60 -5.78
C4A COA X . 14.64 21.89 -6.34
C5A COA X . 14.32 21.47 -7.63
C6A COA X . 15.24 20.73 -8.35
N6A COA X . 14.87 20.11 -9.47
N7A COA X . 13.08 21.92 -7.92
C8A COA X . 12.61 22.61 -6.85
N9A COA X . 13.57 22.60 -5.87
C1B COA X . 13.47 23.14 -4.51
C2B COA X . 12.96 24.56 -4.48
O2B COA X . 13.95 25.52 -4.73
C3B COA X . 12.47 24.61 -3.06
O3B COA X . 13.59 24.71 -2.22
P3B COA X . 13.90 25.94 -1.23
O7A COA X . 14.77 26.96 -1.94
O8A COA X . 14.64 25.39 -0.03
O9A COA X . 12.61 26.59 -0.79
C4B COA X . 11.85 23.24 -2.87
O4B COA X . 12.57 22.38 -3.73
C5B COA X . 10.38 23.20 -3.27
O5B COA X . 9.67 24.03 -2.39
P1A COA X . 8.64 23.38 -1.35
O1A COA X . 8.23 24.40 -0.32
O2A COA X . 9.26 22.14 -0.74
O3A COA X . 7.45 23.03 -2.36
P2A COA X . 5.98 22.59 -1.87
O4A COA X . 5.21 22.16 -3.09
O5A COA X . 5.29 23.71 -1.13
O6A COA X . 6.24 21.30 -0.94
CBP COA X . 6.31 19.99 1.08
CCP COA X . 6.19 21.38 0.47
CDP COA X . 6.77 20.16 2.52
CEP COA X . 4.95 19.33 1.06
CAP COA X . 7.32 19.15 0.30
OAP COA X . 8.57 19.82 0.21
C9P COA X . 7.52 17.78 0.91
O9P COA X . 6.51 16.81 0.79
N8P COA X . 8.67 17.54 1.54
C7P COA X . 8.93 16.30 2.23
C6P COA X . 8.23 16.26 3.58
C5P COA X . 8.70 15.09 4.40
O5P COA X . 9.32 14.16 3.85
N4P COA X . 8.43 15.12 5.71
C3P COA X . 8.85 14.08 6.64
C2P COA X . 7.85 13.87 7.76
S1P COA X . 8.27 12.46 8.82
N1 FMN Y . 9.92 10.04 -20.52
C2 FMN Y . 8.61 10.06 -20.97
O2 FMN Y . 8.32 10.80 -21.91
N3 FMN Y . 7.65 9.27 -20.37
C4 FMN Y . 8.00 8.45 -19.33
O4 FMN Y . 7.15 7.74 -18.79
C4A FMN Y . 9.32 8.42 -18.87
N5 FMN Y . 9.67 7.60 -17.82
C5A FMN Y . 10.97 7.57 -17.36
C6 FMN Y . 11.30 6.74 -16.30
C7 FMN Y . 12.61 6.70 -15.84
C7M FMN Y . 12.99 5.81 -14.69
C8 FMN Y . 13.58 7.51 -16.44
C8M FMN Y . 14.99 7.46 -15.93
C9 FMN Y . 13.24 8.33 -17.50
C9A FMN Y . 11.93 8.37 -17.96
N10 FMN Y . 11.58 9.20 -19.01
C10 FMN Y . 10.27 9.22 -19.47
C1' FMN Y . 12.62 10.06 -19.68
C2' FMN Y . 12.85 11.35 -18.90
O2' FMN Y . 11.84 12.28 -19.24
C3' FMN Y . 14.24 11.91 -19.21
O3' FMN Y . 15.08 11.68 -18.10
C4' FMN Y . 14.22 13.41 -19.52
O4' FMN Y . 13.33 13.68 -20.59
C5' FMN Y . 15.62 13.90 -19.87
O5' FMN Y . 15.69 15.31 -19.76
P FMN Y . 16.63 16.04 -18.67
O1P FMN Y . 17.67 16.83 -19.40
O2P FMN Y . 15.80 16.95 -17.81
O3P FMN Y . 17.30 15.00 -17.80
S SO4 Z . 8.76 10.49 -1.43
O1 SO4 Z . 9.90 9.95 -2.18
O2 SO4 Z . 9.10 11.82 -0.93
O3 SO4 Z . 7.62 10.58 -2.33
O4 SO4 Z . 8.42 9.62 -0.30
C1 420 AA . -13.48 -6.32 -13.49
C1 420 AA . -12.63 -6.57 -13.41
C2 420 AA . -12.57 -7.26 -14.27
C2 420 AA . -11.23 -7.08 -13.19
O3 420 AA . -12.73 -8.48 -14.18
O3 420 AA . -10.98 -8.08 -12.51
N4 420 AA . -11.59 -6.74 -15.09
N4 420 AA . -10.26 -6.34 -13.83
C5 420 AA . -10.74 -7.66 -15.85
C5 420 AA . -8.85 -6.67 -13.74
C6 420 AA . -11.44 -8.17 -17.12
C6 420 AA . -8.15 -5.86 -12.64
N7 420 AA . -12.75 -7.53 -17.42
N7 420 AA . -7.06 -6.62 -12.01
S8 420 AA . -13.02 -6.72 -18.87
S8 420 AA . -6.69 -6.39 -10.38
O9 420 AA . -11.81 -6.89 -19.65
O9 420 AA . -6.42 -4.99 -10.17
O10 420 AA . -13.53 -5.41 -18.52
O10 420 AA . -7.68 -7.13 -9.62
C11 420 AA . -14.30 -7.58 -19.79
C12 420 AA . -15.49 -6.91 -20.05
C13 420 AA . -16.50 -7.54 -20.78
C14 420 AA . -16.33 -8.85 -21.23
C15 420 AA . -15.14 -9.59 -20.99
C16 420 AA . -14.12 -8.92 -20.25
C17 420 AA . -12.92 -9.61 -19.99
C18 420 AA . -12.75 -10.91 -20.44
C19 420 AA . -13.75 -11.55 -21.15
C20 420 AA . -14.99 -10.94 -21.47
N21 420 AA . -15.87 -11.77 -22.20
C22 420 AA . -15.46 -13.11 -22.56
C23 420 AA . -17.18 -11.30 -22.61
N1A COA BA . -26.09 -1.87 3.39
C2A COA BA . -26.88 -3.00 3.54
N3A COA BA . -27.81 -3.32 2.56
C4A COA BA . -27.93 -2.54 1.46
C5A COA BA . -27.14 -1.40 1.31
C6A COA BA . -26.21 -1.07 2.28
N6A COA BA . -25.57 0.10 2.22
N7A COA BA . -27.47 -0.83 0.14
C8A COA BA . -28.45 -1.55 -0.45
N9A COA BA . -28.74 -2.61 0.36
C1B COA BA . -29.52 -3.81 -0.01
C2B COA BA . -30.88 -3.49 -0.60
O2B COA BA . -31.87 -3.33 0.39
C3B COA BA . -31.12 -4.73 -1.42
O3B COA BA . -31.58 -5.76 -0.58
P3B COA BA . -32.91 -6.59 -0.91
O7A COA BA . -34.11 -5.68 -0.76
O8A COA BA . -33.03 -7.77 0.03
O9A COA BA . -32.80 -7.09 -2.33
C4B COA BA . -29.74 -5.10 -1.93
O4B COA BA . -28.83 -4.56 -0.99
C5B COA BA . -29.43 -4.52 -3.31
O5B COA BA . -30.37 -5.00 -4.25
P1A COA BA . -29.93 -5.94 -5.47
O1A COA BA . -31.15 -6.62 -6.03
O2A COA BA . -28.89 -6.94 -5.03
O3A COA BA . -29.36 -4.86 -6.53
P2A COA BA . -28.75 -5.23 -7.97
O4A COA BA . -27.85 -4.10 -8.39
O5A COA BA . -29.85 -5.43 -8.99
O6A COA BA . -27.87 -6.57 -7.75
CBP COA BA . -27.19 -8.87 -8.00
CCP COA BA . -28.32 -7.85 -8.10
CDP COA BA . -27.80 -10.25 -7.72
CEP COA BA . -26.45 -8.91 -9.33
CAP COA BA . -26.22 -8.51 -6.87
OAP COA BA . -26.94 -8.37 -5.67
C9P COA BA . -25.15 -9.53 -6.68
O9P COA BA . -24.11 -9.67 -7.63
N8P COA BA . -25.22 -10.28 -5.58
C7P COA BA . -24.30 -11.36 -5.34
C6P COA BA . -24.73 -12.63 -6.08
C5P COA BA . -23.72 -13.73 -5.88
O5P COA BA . -22.72 -13.56 -5.16
N4P COA BA . -23.96 -14.87 -6.53
C3P COA BA . -23.54 -16.16 -6.02
C2P COA BA . -23.48 -17.22 -7.11
S1P COA BA . -22.35 -18.55 -6.65
N1 FMN CA . -11.70 8.15 0.38
C2 FMN CA . -11.36 8.78 -0.79
O2 FMN CA . -11.73 9.93 -0.99
N3 FMN CA . -10.61 8.13 -1.74
C4 FMN CA . -10.17 6.84 -1.51
O4 FMN CA . -9.51 6.26 -2.36
C4A FMN CA . -10.51 6.19 -0.34
N5 FMN CA . -10.09 4.90 -0.09
C5A FMN CA . -10.43 4.26 1.08
C6 FMN CA . -10.01 2.96 1.32
C7 FMN CA . -10.35 2.33 2.50
C7M FMN CA . -9.91 0.93 2.77
C8 FMN CA . -11.12 3.00 3.45
C8M FMN CA . -11.48 2.29 4.72
C9 FMN CA . -11.54 4.30 3.22
C9A FMN CA . -11.20 4.94 2.03
N10 FMN CA . -11.62 6.23 1.80
C10 FMN CA . -11.28 6.85 0.62
C1' FMN CA . -12.44 6.97 2.79
C2' FMN CA . -13.86 6.40 2.78
O2' FMN CA . -14.71 7.27 2.07
C3' FMN CA . -14.35 6.24 4.21
O3' FMN CA . -14.76 4.90 4.42
C4' FMN CA . -15.53 7.16 4.50
O4' FMN CA . -15.16 8.50 4.26
C5' FMN CA . -16.00 6.99 5.94
O5' FMN CA . -17.18 6.23 5.96
P FMN CA . -18.22 6.38 7.18
O1P FMN CA . -19.58 6.69 6.62
O2P FMN CA . -18.30 5.07 7.91
O3P FMN CA . -17.78 7.47 8.12
#